data_7U3T
#
_entry.id   7U3T
#
_cell.length_a   67.406
_cell.length_b   68.539
_cell.length_c   100.038
_cell.angle_alpha   98.994
_cell.angle_beta   99.618
_cell.angle_gamma   98.580
#
_symmetry.space_group_name_H-M   'P 1'
#
loop_
_entity.id
_entity.type
_entity.pdbx_description
1 polymer "DNA (5'-D(*AP*AP*CP*CP*TP*AP*CP*CP*TP*GP*GP*CP*AP*GP*GP*AP*CP*GP*AP*CP*T)-3')"
2 polymer "DNA (5'-D(P*TP*CP*AP*CP*TP*CP*AP*GP*CP*AP*TP*GP*TP*GP*AP*TP*GP*TP*GP*GP*TP*AP*GP*G)-3')"
3 polymer "DNA (5'-D(*TP*TP*AP*GP*TP*CP*GP*TP*GP*GP*CP*TP*CP*G)-3')"
4 polymer "DNA (5'-D(*CP*AP*CP*GP*AP*GP*CP*CP*TP*GP*AP*TP*CP*GP*GP*AP*CP*AP*AP*GP*A)-3')"
5 polymer "DNA (5'-D(*TP*GP*TP*CP*TP*TP*GP*TP*GP*GP*TP*CP*GP*C)-3')"
6 polymer 'DNA (31-MER)'
7 polymer "DNA (5'-D(P*TP*AP*CP*AP*CP*CP*GP*AP*TP*CP*AP*CP*CP*TP*GP*CP*CP*AP*CP*CP*G)-3')"
#
loop_
_entity_poly.entity_id
_entity_poly.type
_entity_poly.pdbx_seq_one_letter_code
_entity_poly.pdbx_strand_id
1 'polydeoxyribonucleotide'
;(DA)(DA)(DC)(DC)(DT)(DA)(DC)(DC)(DT)(DG)(DG)(DC)(DA)(DG)(DG)(DA)(DC)(DG)(DA)(DC)
(DT)
;
B
2 'polydeoxyribonucleotide'
;(DT)(DC)(DA)(DC)(DT)(DC)(DA)(DG)(DC)(DA)(DT)(DG)(DT)(DG)(DA)(DT)(DG)(DT)(DG)(DG)
(DT)(DA)(DG)(DG)
;
F
3 'polydeoxyribonucleotide' (DT)(DT)(DA)(DG)(DT)(DC)(DG)(DT)(DG)(DG)(DC)(DT)(DC)(DG) D
4 'polydeoxyribonucleotide'
;(DC)(DA)(DC)(DG)(DA)(DG)(DC)(DC)(DT)(DG)(DA)(DT)(DC)(DG)(DG)(DA)(DC)(DA)(DA)(DG)
(DA)
;
C
5 'polydeoxyribonucleotide' (DT)(DG)(DT)(DC)(DT)(DT)(DG)(DT)(DG)(DG)(DT)(DC)(DG)(DC) E
6 'polydeoxyribonucleotide'
;(DG)(DA)(DG)(DC)(DG)(DA)(DC)(DC)(DT)(DG)(DT)(DA)(DC)(DG)(DG)(DA)(DC)(DA)(DT)(DC)
(DA)(DC)(DA)(DT)(DG)(DC)(DT)(DG)(DA)(DG)(DT)
;
A
7 'polydeoxyribonucleotide'
;(DT)(DA)(DC)(DA)(DC)(DC)(DG)(DA)(DT)(DC)(DA)(DC)(DC)(DT)(DG)(DC)(DC)(DA)(DC)(DC)
(DG)
;
M
#